data_3C8U
#
_entry.id   3C8U
#
_cell.length_a   102.280
_cell.length_b   102.280
_cell.length_c   116.630
_cell.angle_alpha   90.000
_cell.angle_beta   90.000
_cell.angle_gamma   120.000
#
_symmetry.space_group_name_H-M   'H 3 2'
#
loop_
_entity.id
_entity.type
_entity.pdbx_description
1 polymer Fructokinase
2 water water
#
_entity_poly.entity_id   1
_entity_poly.type   'polypeptide(L)'
_entity_poly.pdbx_seq_one_letter_code
;G(MSE)TLAALCQGVLERLDPRQPGRQLVALSGAPGSGKSTLSNPLAAALSAQGLPAEVVP(MSE)DGFHLDNRLLEPRG
LLPRKGAPETFDFEGFQRLCHALKHQERVIYPLFDRARDIAIAGAAEVGPECRVAIIEGNYLLFDAPGWRDLTAIWDVSI
RLEVP(MSE)ADLEARLVQRWLDHGLNHDAAVARAQGNDLANARAIEAARLPADLTWPQA
;
_entity_poly.pdbx_strand_id   A
#
# COMPACT_ATOMS: atom_id res chain seq x y z
N GLY A 1 -11.88 1.01 17.51
CA GLY A 1 -12.04 0.22 18.77
C GLY A 1 -10.75 -0.51 19.08
N THR A 3 -6.48 0.47 19.71
CA THR A 3 -5.39 1.41 19.87
C THR A 3 -4.19 0.95 19.02
N LEU A 4 -3.28 1.89 18.78
CA LEU A 4 -2.06 1.56 18.05
C LEU A 4 -1.30 0.54 18.87
N ALA A 5 -1.42 0.65 20.20
CA ALA A 5 -0.58 -0.17 21.08
C ALA A 5 -1.01 -1.60 20.91
N ALA A 6 -2.32 -1.78 20.78
CA ALA A 6 -2.91 -3.11 20.68
C ALA A 6 -2.65 -3.68 19.29
N LEU A 7 -2.59 -2.79 18.30
CA LEU A 7 -2.27 -3.17 16.91
C LEU A 7 -0.84 -3.69 16.85
N CYS A 8 0.06 -2.93 17.47
CA CYS A 8 1.47 -3.28 17.47
C CYS A 8 1.63 -4.66 18.10
N GLN A 9 0.96 -4.84 19.23
CA GLN A 9 1.07 -6.07 20.01
C GLN A 9 0.48 -7.25 19.24
N GLY A 10 -0.63 -6.98 18.55
CA GLY A 10 -1.30 -8.00 17.75
C GLY A 10 -0.46 -8.50 16.59
N VAL A 11 0.26 -7.56 15.98
CA VAL A 11 1.20 -7.92 14.91
C VAL A 11 2.31 -8.76 15.47
N LEU A 12 2.86 -8.31 16.60
CA LEU A 12 3.99 -9.02 17.20
CA LEU A 12 3.99 -9.00 17.24
C LEU A 12 3.66 -10.49 17.54
N GLU A 13 2.48 -10.69 18.05
CA GLU A 13 2.03 -12.01 18.51
C GLU A 13 1.89 -12.96 17.35
N ARG A 14 1.68 -12.38 16.19
CA ARG A 14 1.39 -13.16 14.99
C ARG A 14 2.62 -13.42 14.13
N LEU A 15 3.66 -12.67 14.41
CA LEU A 15 4.97 -12.87 13.74
C LEU A 15 5.66 -14.06 14.38
N ASP A 16 6.61 -14.65 13.69
CA ASP A 16 7.30 -15.86 14.16
C ASP A 16 8.77 -15.53 14.29
N PRO A 17 9.25 -15.39 15.51
CA PRO A 17 10.63 -15.00 15.80
C PRO A 17 11.66 -15.96 15.20
N ARG A 18 11.23 -17.20 14.95
CA ARG A 18 12.17 -18.23 14.46
C ARG A 18 12.22 -18.28 12.96
N GLN A 19 11.39 -17.47 12.32
CA GLN A 19 11.25 -17.52 10.86
C GLN A 19 12.48 -16.90 10.16
N PRO A 20 13.13 -17.67 9.27
CA PRO A 20 14.25 -17.05 8.57
C PRO A 20 13.85 -15.91 7.65
N GLY A 21 14.73 -14.93 7.64
CA GLY A 21 14.64 -13.85 6.68
C GLY A 21 13.77 -12.75 7.19
N ARG A 22 13.31 -11.91 6.28
CA ARG A 22 12.57 -10.74 6.66
C ARG A 22 11.08 -11.06 6.63
N GLN A 23 10.36 -10.47 7.57
CA GLN A 23 8.89 -10.63 7.66
C GLN A 23 8.17 -9.45 7.00
N LEU A 24 7.07 -9.80 6.34
CA LEU A 24 6.19 -8.85 5.64
C LEU A 24 4.83 -8.69 6.31
N VAL A 25 4.51 -7.45 6.56
CA VAL A 25 3.22 -7.05 7.08
C VAL A 25 2.55 -6.13 6.10
N ALA A 26 1.37 -6.56 5.65
CA ALA A 26 0.55 -5.80 4.69
C ALA A 26 -0.46 -4.89 5.39
N LEU A 27 -0.50 -3.64 4.95
CA LEU A 27 -1.54 -2.69 5.36
C LEU A 27 -2.25 -2.25 4.10
N SER A 28 -3.47 -2.73 3.94
CA SER A 28 -4.28 -2.48 2.75
C SER A 28 -5.39 -1.51 3.07
N GLY A 29 -5.41 -0.46 2.26
CA GLY A 29 -6.47 0.54 2.31
C GLY A 29 -7.14 0.77 0.97
N ALA A 30 -7.75 1.93 0.88
CA ALA A 30 -8.34 2.44 -0.35
C ALA A 30 -7.86 3.88 -0.53
N PRO A 31 -7.97 4.42 -1.76
CA PRO A 31 -7.70 5.83 -1.97
C PRO A 31 -8.49 6.67 -0.98
N GLY A 32 -7.75 7.56 -0.33
CA GLY A 32 -8.28 8.47 0.66
C GLY A 32 -8.29 7.92 2.06
N SER A 33 -7.76 6.71 2.23
CA SER A 33 -7.87 6.02 3.54
C SER A 33 -6.87 6.59 4.57
N GLY A 34 -5.90 7.32 4.08
CA GLY A 34 -4.82 7.87 4.93
C GLY A 34 -3.95 6.77 5.55
N LYS A 35 -3.71 5.73 4.77
CA LYS A 35 -2.99 4.57 5.29
CA LYS A 35 -2.98 4.56 5.27
C LYS A 35 -1.56 4.90 5.75
N SER A 36 -0.92 5.87 5.13
CA SER A 36 0.45 6.22 5.54
C SER A 36 0.52 6.80 6.96
N THR A 37 -0.60 7.33 7.43
CA THR A 37 -0.67 7.92 8.78
C THR A 37 -0.82 6.86 9.89
N LEU A 38 -1.12 5.64 9.45
CA LEU A 38 -1.16 4.45 10.33
C LEU A 38 0.12 3.59 10.21
N SER A 39 0.58 3.37 8.99
CA SER A 39 1.71 2.45 8.78
C SER A 39 2.98 2.91 9.47
N ASN A 40 3.24 4.21 9.34
CA ASN A 40 4.46 4.80 9.91
C ASN A 40 4.54 4.72 11.45
N PRO A 41 3.46 5.11 12.16
CA PRO A 41 3.50 4.94 13.60
C PRO A 41 3.57 3.47 14.02
N LEU A 42 2.97 2.60 13.22
CA LEU A 42 3.04 1.16 13.49
C LEU A 42 4.47 0.66 13.34
N ALA A 43 5.17 1.15 12.30
CA ALA A 43 6.58 0.82 12.09
C ALA A 43 7.42 1.24 13.29
N ALA A 44 7.10 2.42 13.83
CA ALA A 44 7.88 2.99 14.93
C ALA A 44 7.61 2.20 16.22
N ALA A 45 6.37 1.76 16.38
CA ALA A 45 5.93 1.02 17.57
C ALA A 45 6.62 -0.32 17.61
N LEU A 46 6.72 -0.95 16.44
CA LEU A 46 7.34 -2.29 16.34
C LEU A 46 8.85 -2.19 16.58
N SER A 47 9.45 -1.18 15.97
CA SER A 47 10.87 -0.94 16.14
C SER A 47 11.18 -0.80 17.65
N ALA A 48 10.29 -0.15 18.37
CA ALA A 48 10.50 0.15 19.80
C ALA A 48 10.41 -1.13 20.64
N GLN A 49 9.83 -2.15 20.03
CA GLN A 49 9.64 -3.44 20.70
C GLN A 49 10.66 -4.42 20.19
N GLY A 50 11.69 -3.86 19.55
CA GLY A 50 12.90 -4.63 19.13
C GLY A 50 12.79 -5.30 17.78
N LEU A 51 11.78 -4.87 17.02
CA LEU A 51 11.61 -5.36 15.65
C LEU A 51 11.70 -4.19 14.67
N PRO A 52 12.92 -3.86 14.20
CA PRO A 52 13.10 -2.74 13.28
C PRO A 52 12.29 -2.91 12.03
N ALA A 53 11.41 -1.95 11.85
CA ALA A 53 10.40 -1.97 10.82
C ALA A 53 10.44 -0.71 10.03
N GLU A 54 10.08 -0.87 8.76
CA GLU A 54 9.94 0.24 7.81
CA GLU A 54 9.85 0.29 7.90
C GLU A 54 8.77 0.05 6.87
N VAL A 55 8.29 1.17 6.36
CA VAL A 55 7.13 1.18 5.47
C VAL A 55 7.61 1.20 4.01
N VAL A 56 7.09 0.25 3.24
CA VAL A 56 7.41 0.11 1.81
C VAL A 56 6.12 0.36 1.00
N PRO A 57 5.99 1.53 0.39
CA PRO A 57 4.77 1.71 -0.41
C PRO A 57 4.78 1.02 -1.76
N ASP A 59 3.21 2.34 -4.32
CA ASP A 59 2.92 3.38 -5.31
C ASP A 59 4.01 3.52 -6.37
N GLY A 60 5.21 3.13 -5.99
CA GLY A 60 6.39 3.25 -6.86
C GLY A 60 6.25 2.37 -8.08
N PHE A 61 5.22 1.53 -8.05
CA PHE A 61 4.98 0.52 -9.07
C PHE A 61 3.93 0.91 -10.08
N HIS A 62 3.49 2.16 -10.00
CA HIS A 62 2.65 2.68 -11.09
C HIS A 62 3.46 2.57 -12.37
N LEU A 63 2.74 2.25 -13.44
CA LEU A 63 3.31 2.42 -14.77
C LEU A 63 3.44 3.90 -15.08
N ASP A 64 4.38 4.23 -15.97
CA ASP A 64 4.55 5.61 -16.42
C ASP A 64 3.42 5.97 -17.38
N ASN A 65 3.13 7.26 -17.43
CA ASN A 65 2.08 7.78 -18.31
C ASN A 65 2.35 7.44 -19.78
N ARG A 66 3.62 7.26 -20.11
CA ARG A 66 4.03 7.06 -21.51
C ARG A 66 3.65 5.65 -21.92
N LEU A 67 3.41 4.80 -20.93
CA LEU A 67 2.92 3.46 -21.20
C LEU A 67 1.39 3.43 -21.13
N LEU A 68 0.86 4.16 -20.16
CA LEU A 68 -0.59 4.14 -19.89
C LEU A 68 -1.37 4.72 -21.05
N GLU A 69 -0.80 5.77 -21.62
CA GLU A 69 -1.53 6.57 -22.62
CA GLU A 69 -1.55 6.57 -22.61
C GLU A 69 -1.94 5.76 -23.85
N PRO A 70 -0.97 5.11 -24.49
CA PRO A 70 -1.31 4.35 -25.69
C PRO A 70 -2.22 3.15 -25.42
N ARG A 71 -2.41 2.85 -24.14
CA ARG A 71 -3.19 1.66 -23.73
C ARG A 71 -4.58 2.07 -23.33
N GLY A 72 -4.78 3.37 -23.39
CA GLY A 72 -6.06 3.97 -23.08
C GLY A 72 -6.37 4.04 -21.60
N LEU A 73 -5.34 3.81 -20.79
CA LEU A 73 -5.46 3.71 -19.32
C LEU A 73 -5.19 5.00 -18.53
N LEU A 74 -4.85 6.06 -19.24
CA LEU A 74 -4.38 7.24 -18.53
C LEU A 74 -5.47 7.78 -17.57
N PRO A 75 -6.72 7.82 -18.02
CA PRO A 75 -7.74 8.37 -17.12
C PRO A 75 -8.05 7.51 -15.89
N ARG A 76 -7.53 6.30 -15.87
CA ARG A 76 -7.77 5.36 -14.76
C ARG A 76 -6.50 5.08 -13.94
N LYS A 77 -5.51 5.92 -14.12
CA LYS A 77 -4.28 5.80 -13.34
C LYS A 77 -4.64 5.67 -11.89
N GLY A 78 -4.13 4.61 -11.27
CA GLY A 78 -4.50 4.29 -9.90
C GLY A 78 -5.24 2.99 -9.79
N ALA A 79 -5.89 2.63 -10.88
CA ALA A 79 -6.58 1.34 -10.98
C ALA A 79 -5.54 0.20 -11.00
N PRO A 80 -5.95 -1.00 -10.61
CA PRO A 80 -4.98 -2.08 -10.47
C PRO A 80 -4.20 -2.32 -11.76
N GLU A 81 -4.90 -2.23 -12.89
CA GLU A 81 -4.26 -2.55 -14.18
C GLU A 81 -3.24 -1.50 -14.61
N THR A 82 -3.19 -0.42 -13.86
CA THR A 82 -2.21 0.63 -14.10
C THR A 82 -0.93 0.46 -13.28
N PHE A 83 -0.83 -0.65 -12.57
CA PHE A 83 0.38 -0.97 -11.80
C PHE A 83 1.19 -2.06 -12.49
N ASP A 84 2.49 -2.00 -12.26
CA ASP A 84 3.41 -3.10 -12.64
C ASP A 84 3.27 -4.21 -11.61
N PHE A 85 2.24 -5.04 -11.76
CA PHE A 85 1.96 -6.10 -10.79
C PHE A 85 3.12 -7.09 -10.65
N GLU A 86 3.64 -7.55 -11.78
CA GLU A 86 4.69 -8.56 -11.79
CA GLU A 86 4.69 -8.55 -11.78
C GLU A 86 5.96 -8.01 -11.11
N GLY A 87 6.25 -6.75 -11.35
CA GLY A 87 7.40 -6.10 -10.72
C GLY A 87 7.21 -5.94 -9.22
N PHE A 88 6.00 -5.58 -8.83
CA PHE A 88 5.67 -5.42 -7.38
C PHE A 88 5.78 -6.79 -6.72
N GLN A 89 5.23 -7.78 -7.39
CA GLN A 89 5.27 -9.14 -6.85
C GLN A 89 6.72 -9.59 -6.67
N ARG A 90 7.57 -9.24 -7.64
CA ARG A 90 8.98 -9.61 -7.60
C ARG A 90 9.67 -8.96 -6.42
N LEU A 91 9.30 -7.72 -6.13
CA LEU A 91 9.84 -7.00 -4.96
C LEU A 91 9.48 -7.68 -3.66
N CYS A 92 8.20 -8.01 -3.54
CA CYS A 92 7.69 -8.68 -2.34
C CYS A 92 8.50 -9.95 -2.05
N HIS A 93 8.74 -10.70 -3.11
CA HIS A 93 9.54 -11.94 -2.98
C HIS A 93 10.98 -11.65 -2.57
N ALA A 94 11.56 -10.61 -3.16
CA ALA A 94 12.98 -10.27 -2.92
C ALA A 94 13.17 -9.85 -1.46
N LEU A 95 12.17 -9.18 -0.94
CA LEU A 95 12.24 -8.63 0.43
C LEU A 95 12.41 -9.70 1.50
N LYS A 96 11.88 -10.88 1.21
CA LYS A 96 11.95 -11.99 2.18
C LYS A 96 13.38 -12.43 2.42
N HIS A 97 14.12 -12.66 1.33
CA HIS A 97 15.43 -13.26 1.52
C HIS A 97 16.63 -12.49 1.04
N GLN A 98 16.41 -11.38 0.37
CA GLN A 98 17.55 -10.51 0.03
C GLN A 98 17.86 -9.58 1.18
N GLU A 99 19.14 -9.32 1.39
CA GLU A 99 19.56 -8.48 2.51
C GLU A 99 19.18 -7.03 2.27
N ARG A 100 19.43 -6.62 1.05
CA ARG A 100 19.33 -5.23 0.64
CA ARG A 100 19.32 -5.24 0.64
C ARG A 100 18.54 -5.17 -0.65
N VAL A 101 17.50 -4.35 -0.64
CA VAL A 101 16.62 -4.23 -1.81
C VAL A 101 16.28 -2.81 -2.13
N ILE A 102 16.64 -2.43 -3.35
CA ILE A 102 16.33 -1.13 -3.94
C ILE A 102 14.95 -1.15 -4.58
N TYR A 103 14.21 -0.06 -4.38
CA TYR A 103 12.85 0.06 -4.98
C TYR A 103 12.45 1.49 -5.29
N PRO A 104 11.41 1.68 -6.12
CA PRO A 104 11.01 3.01 -6.55
C PRO A 104 10.04 3.67 -5.61
N LEU A 105 10.04 4.99 -5.69
CA LEU A 105 9.15 5.86 -4.92
C LEU A 105 8.35 6.69 -5.90
N PHE A 106 7.06 6.82 -5.62
CA PHE A 106 6.17 7.65 -6.45
C PHE A 106 6.26 9.10 -6.02
N ASP A 107 6.49 9.96 -6.99
CA ASP A 107 6.49 11.43 -6.82
C ASP A 107 5.14 12.01 -7.28
N ARG A 108 4.31 12.34 -6.31
CA ARG A 108 2.92 12.73 -6.62
C ARG A 108 2.88 14.01 -7.47
N ALA A 109 3.72 14.95 -7.11
CA ALA A 109 3.75 16.26 -7.74
C ALA A 109 4.14 16.14 -9.18
N ARG A 110 5.07 15.23 -9.44
CA ARG A 110 5.63 15.12 -10.78
C ARG A 110 4.95 14.01 -11.55
N ASP A 111 4.08 13.29 -10.85
CA ASP A 111 3.25 12.21 -11.43
C ASP A 111 4.12 11.18 -12.15
N ILE A 112 5.25 10.90 -11.51
CA ILE A 112 6.15 9.81 -11.93
C ILE A 112 6.66 8.96 -10.78
N ALA A 113 7.05 7.75 -11.16
CA ALA A 113 7.70 6.82 -10.24
C ALA A 113 9.20 6.87 -10.50
N ILE A 114 9.94 7.14 -9.44
CA ILE A 114 11.40 7.30 -9.53
CA ILE A 114 11.39 7.28 -9.54
C ILE A 114 12.10 5.99 -9.12
N ALA A 115 12.77 5.37 -10.08
CA ALA A 115 13.52 4.15 -9.79
C ALA A 115 14.75 4.51 -8.98
N GLY A 116 15.11 3.61 -8.07
CA GLY A 116 16.38 3.66 -7.37
C GLY A 116 16.34 4.64 -6.22
N ALA A 117 15.13 4.90 -5.74
CA ALA A 117 14.86 6.04 -4.80
C ALA A 117 14.90 5.63 -3.34
N ALA A 118 14.70 4.34 -3.09
CA ALA A 118 14.67 3.83 -1.71
C ALA A 118 15.32 2.47 -1.57
N GLU A 119 15.70 2.13 -0.35
CA GLU A 119 16.32 0.84 -0.04
C GLU A 119 15.85 0.27 1.29
N VAL A 120 15.47 -1.01 1.29
CA VAL A 120 15.30 -1.76 2.53
C VAL A 120 16.63 -2.46 2.77
N GLY A 121 17.21 -2.16 3.92
CA GLY A 121 18.51 -2.69 4.33
C GLY A 121 18.46 -3.88 5.27
N PRO A 122 19.62 -4.50 5.50
CA PRO A 122 19.72 -5.73 6.28
C PRO A 122 19.29 -5.58 7.74
N GLU A 123 19.30 -4.36 8.23
CA GLU A 123 18.88 -4.06 9.63
C GLU A 123 17.36 -4.12 9.80
N CYS A 124 16.66 -4.01 8.69
CA CYS A 124 15.19 -4.10 8.69
C CYS A 124 14.71 -5.53 8.77
N ARG A 125 13.92 -5.78 9.80
CA ARG A 125 13.44 -7.11 10.16
CA ARG A 125 13.47 -7.13 10.07
C ARG A 125 12.00 -7.33 9.69
N VAL A 126 11.28 -6.23 9.58
CA VAL A 126 9.88 -6.26 9.15
C VAL A 126 9.62 -5.13 8.17
N ALA A 127 9.10 -5.51 7.01
CA ALA A 127 8.62 -4.55 6.01
C ALA A 127 7.10 -4.52 6.07
N ILE A 128 6.61 -3.31 6.32
CA ILE A 128 5.20 -3.04 6.29
C ILE A 128 4.94 -2.51 4.90
N ILE A 129 4.28 -3.33 4.11
CA ILE A 129 3.99 -3.05 2.71
C ILE A 129 2.62 -2.41 2.72
N GLU A 130 2.52 -1.21 2.17
CA GLU A 130 1.27 -0.47 2.18
C GLU A 130 0.80 -0.19 0.76
N GLY A 131 -0.48 -0.44 0.55
CA GLY A 131 -1.11 -0.17 -0.76
C GLY A 131 -2.60 -0.38 -0.79
N ASN A 132 -3.21 -0.14 -1.95
CA ASN A 132 -4.64 -0.29 -2.09
C ASN A 132 -5.09 -1.71 -2.43
N TYR A 133 -4.18 -2.50 -2.99
CA TYR A 133 -4.54 -3.80 -3.59
C TYR A 133 -3.84 -5.00 -2.97
N LEU A 134 -3.68 -4.99 -1.63
CA LEU A 134 -2.93 -6.02 -0.93
C LEU A 134 -3.79 -7.17 -0.42
N LEU A 135 -5.09 -6.97 -0.50
CA LEU A 135 -6.11 -7.94 -0.05
C LEU A 135 -7.23 -7.99 -1.09
N PHE A 136 -6.78 -8.03 -2.33
CA PHE A 136 -7.63 -7.80 -3.50
C PHE A 136 -7.88 -9.08 -4.32
N ASP A 137 -9.16 -9.44 -4.37
CA ASP A 137 -9.59 -10.71 -4.96
C ASP A 137 -9.77 -10.58 -6.48
N ALA A 138 -8.61 -10.59 -7.11
CA ALA A 138 -8.46 -10.59 -8.57
C ALA A 138 -7.25 -11.41 -8.97
N PRO A 139 -7.21 -11.87 -10.23
CA PRO A 139 -6.02 -12.56 -10.70
C PRO A 139 -4.75 -11.78 -10.46
N GLY A 140 -3.77 -12.56 -10.03
CA GLY A 140 -2.45 -12.07 -9.69
C GLY A 140 -2.44 -11.55 -8.27
N TRP A 141 -3.25 -10.52 -8.09
CA TRP A 141 -3.31 -9.76 -6.85
C TRP A 141 -3.65 -10.67 -5.68
N ARG A 142 -4.51 -11.63 -5.94
CA ARG A 142 -5.06 -12.48 -4.85
C ARG A 142 -3.96 -13.41 -4.33
N ASP A 143 -2.92 -13.56 -5.13
CA ASP A 143 -1.80 -14.44 -4.79
C ASP A 143 -0.88 -13.79 -3.79
N LEU A 144 -1.04 -12.48 -3.60
CA LEU A 144 -0.16 -11.76 -2.69
C LEU A 144 -0.43 -12.16 -1.24
N THR A 145 -1.66 -12.54 -0.94
CA THR A 145 -2.02 -12.85 0.46
CA THR A 145 -2.01 -12.82 0.47
C THR A 145 -1.19 -14.00 1.03
N ALA A 146 -0.72 -14.86 0.14
CA ALA A 146 0.09 -16.01 0.55
C ALA A 146 1.46 -15.54 0.99
N ILE A 147 1.83 -14.33 0.57
CA ILE A 147 3.20 -13.81 0.83
C ILE A 147 3.28 -13.12 2.20
N TRP A 148 2.17 -12.55 2.61
CA TRP A 148 2.14 -11.75 3.82
C TRP A 148 2.29 -12.64 5.05
N ASP A 149 3.00 -12.15 6.06
CA ASP A 149 3.06 -12.86 7.33
C ASP A 149 1.93 -12.46 8.24
N VAL A 150 1.60 -11.17 8.19
CA VAL A 150 0.46 -10.60 8.91
C VAL A 150 -0.18 -9.60 7.95
N SER A 151 -1.49 -9.57 7.94
CA SER A 151 -2.20 -8.61 7.11
C SER A 151 -3.23 -7.83 7.91
N ILE A 152 -3.29 -6.55 7.53
CA ILE A 152 -4.14 -5.55 8.15
C ILE A 152 -4.96 -4.83 7.09
N ARG A 153 -6.26 -4.80 7.31
CA ARG A 153 -7.14 -3.97 6.51
C ARG A 153 -7.52 -2.72 7.28
N LEU A 154 -7.25 -1.60 6.64
CA LEU A 154 -7.67 -0.28 7.09
C LEU A 154 -9.08 -0.03 6.54
N GLU A 155 -10.06 -0.06 7.43
CA GLU A 155 -11.47 0.07 7.07
C GLU A 155 -12.01 1.48 7.28
N VAL A 156 -12.37 2.11 6.18
CA VAL A 156 -12.88 3.48 6.17
C VAL A 156 -14.19 3.53 5.39
N PRO A 157 -15.26 4.03 6.01
CA PRO A 157 -16.50 4.11 5.22
C PRO A 157 -16.38 4.90 3.95
N ALA A 159 -18.27 6.94 2.62
CA ALA A 159 -18.70 8.33 2.75
C ALA A 159 -17.52 9.16 3.21
N ASP A 160 -16.74 8.58 4.09
CA ASP A 160 -15.60 9.27 4.67
C ASP A 160 -14.49 9.38 3.61
N LEU A 161 -14.34 8.30 2.86
CA LEU A 161 -13.30 8.29 1.78
C LEU A 161 -13.58 9.41 0.79
N GLU A 162 -14.85 9.57 0.51
CA GLU A 162 -15.27 10.54 -0.51
C GLU A 162 -14.92 11.96 -0.06
N ALA A 163 -15.33 12.27 1.15
CA ALA A 163 -15.07 13.60 1.74
C ALA A 163 -13.60 13.90 1.76
N ARG A 164 -12.82 12.87 2.02
CA ARG A 164 -11.37 13.06 2.14
C ARG A 164 -10.75 13.27 0.80
N LEU A 165 -11.29 12.58 -0.19
CA LEU A 165 -10.83 12.71 -1.56
C LEU A 165 -11.21 14.05 -2.15
N VAL A 166 -12.39 14.55 -1.80
CA VAL A 166 -12.80 15.88 -2.33
C VAL A 166 -11.86 16.94 -1.77
N GLN A 167 -11.59 16.86 -0.48
CA GLN A 167 -10.64 17.80 0.16
C GLN A 167 -9.29 17.76 -0.52
N ARG A 168 -8.88 16.55 -0.87
CA ARG A 168 -7.57 16.36 -1.53
C ARG A 168 -7.53 17.21 -2.79
N TRP A 169 -8.60 17.13 -3.55
CA TRP A 169 -8.67 17.78 -4.84
C TRP A 169 -8.87 19.29 -4.67
N LEU A 170 -9.47 19.65 -3.54
CA LEU A 170 -9.68 21.06 -3.22
C LEU A 170 -8.30 21.68 -2.92
N ASP A 171 -7.50 20.93 -2.21
CA ASP A 171 -6.12 21.35 -1.86
C ASP A 171 -5.31 21.60 -3.14
N HIS A 172 -5.61 20.80 -4.13
CA HIS A 172 -4.92 20.85 -5.41
C HIS A 172 -5.37 22.08 -6.20
N GLY A 173 -6.36 22.77 -5.67
CA GLY A 173 -6.76 24.08 -6.23
C GLY A 173 -7.97 23.99 -7.12
N LEU A 174 -8.52 22.79 -7.14
CA LEU A 174 -9.78 22.54 -7.84
C LEU A 174 -10.90 23.23 -7.07
N ASN A 175 -11.89 23.73 -7.78
CA ASN A 175 -13.13 24.14 -7.14
C ASN A 175 -13.96 22.94 -6.75
N HIS A 176 -15.01 23.21 -5.99
CA HIS A 176 -15.71 22.14 -5.28
C HIS A 176 -16.36 21.16 -6.27
N ASP A 177 -17.00 21.73 -7.27
CA ASP A 177 -17.68 20.95 -8.32
C ASP A 177 -16.70 20.01 -8.97
N ALA A 178 -15.57 20.59 -9.32
CA ALA A 178 -14.51 19.86 -10.04
C ALA A 178 -13.89 18.81 -9.18
N ALA A 179 -13.77 19.12 -7.89
CA ALA A 179 -13.07 18.25 -6.96
C ALA A 179 -13.95 17.01 -6.74
N VAL A 180 -15.24 17.26 -6.66
CA VAL A 180 -16.23 16.17 -6.51
C VAL A 180 -16.21 15.24 -7.74
N ALA A 181 -16.17 15.85 -8.91
CA ALA A 181 -16.25 15.10 -10.17
C ALA A 181 -15.02 14.23 -10.30
N ARG A 182 -13.90 14.82 -9.93
CA ARG A 182 -12.60 14.17 -10.08
C ARG A 182 -12.57 12.96 -9.19
N ALA A 183 -12.97 13.18 -7.95
CA ALA A 183 -12.93 12.13 -6.93
C ALA A 183 -13.90 11.00 -7.23
N GLN A 184 -15.07 11.39 -7.73
CA GLN A 184 -16.18 10.46 -7.99
C GLN A 184 -15.79 9.60 -9.20
N GLY A 185 -14.84 10.10 -9.93
CA GLY A 185 -14.36 9.37 -11.05
C GLY A 185 -13.50 8.26 -10.50
N ASN A 186 -12.29 8.27 -10.98
CA ASN A 186 -11.25 7.26 -10.69
C ASN A 186 -11.19 6.76 -9.25
N ASP A 187 -10.63 7.61 -8.39
CA ASP A 187 -10.33 7.23 -6.99
C ASP A 187 -11.48 6.44 -6.38
N LEU A 188 -12.71 6.95 -6.56
CA LEU A 188 -13.88 6.37 -5.85
C LEU A 188 -14.32 5.07 -6.52
N ALA A 189 -14.12 5.00 -7.83
CA ALA A 189 -14.41 3.78 -8.59
C ALA A 189 -13.48 2.68 -8.09
N ASN A 190 -12.25 3.09 -7.81
CA ASN A 190 -11.22 2.13 -7.32
C ASN A 190 -11.57 1.67 -5.91
N ALA A 191 -12.01 2.64 -5.11
CA ALA A 191 -12.40 2.37 -3.73
C ALA A 191 -13.51 1.33 -3.73
N ARG A 192 -14.38 1.49 -4.72
CA ARG A 192 -15.54 0.64 -4.88
C ARG A 192 -15.13 -0.77 -5.32
N ALA A 193 -14.22 -0.84 -6.31
CA ALA A 193 -13.69 -2.14 -6.80
C ALA A 193 -13.02 -2.91 -5.68
N ILE A 194 -12.35 -2.13 -4.83
CA ILE A 194 -11.64 -2.70 -3.66
C ILE A 194 -12.65 -3.32 -2.71
N GLU A 195 -13.73 -2.59 -2.42
CA GLU A 195 -14.74 -3.05 -1.47
CA GLU A 195 -14.76 -3.05 -1.47
C GLU A 195 -15.47 -4.27 -2.01
N ALA A 196 -15.49 -4.37 -3.33
CA ALA A 196 -16.23 -5.44 -4.02
C ALA A 196 -15.42 -6.72 -4.14
N ALA A 197 -14.16 -6.64 -3.75
CA ALA A 197 -13.22 -7.74 -3.95
C ALA A 197 -12.27 -7.88 -2.75
N ARG A 198 -12.87 -8.00 -1.58
CA ARG A 198 -12.13 -8.08 -0.32
C ARG A 198 -11.66 -9.49 -0.01
N LEU A 199 -10.35 -9.63 0.29
CA LEU A 199 -9.84 -10.87 0.87
C LEU A 199 -9.74 -10.67 2.38
N PRO A 200 -9.82 -11.74 3.16
CA PRO A 200 -9.83 -11.56 4.60
C PRO A 200 -8.47 -11.14 5.18
N ALA A 201 -8.53 -10.31 6.21
CA ALA A 201 -7.32 -9.75 6.85
C ALA A 201 -7.17 -10.37 8.20
N ASP A 202 -5.94 -10.39 8.70
CA ASP A 202 -5.65 -10.97 10.01
C ASP A 202 -6.21 -10.05 11.07
N LEU A 203 -6.10 -8.78 10.78
CA LEU A 203 -6.44 -7.69 11.68
C LEU A 203 -7.10 -6.56 10.93
N THR A 204 -8.08 -5.94 11.55
CA THR A 204 -8.79 -4.82 10.92
C THR A 204 -8.80 -3.64 11.84
N TRP A 205 -8.44 -2.51 11.27
CA TRP A 205 -8.44 -1.24 11.96
C TRP A 205 -9.46 -0.33 11.30
N PRO A 206 -10.24 0.37 12.09
CA PRO A 206 -10.03 0.40 13.52
C PRO A 206 -10.95 -0.61 14.19
N GLN A 207 -11.93 -1.10 13.45
#